data_5OND
#
_entry.id   5OND
#
_cell.length_a   36.310
_cell.length_b   43.190
_cell.length_c   61.860
_cell.angle_alpha   80.45
_cell.angle_beta   75.48
_cell.angle_gamma   75.39
#
_symmetry.space_group_name_H-M   'P 1'
#
loop_
_entity.id
_entity.type
_entity.pdbx_description
1 polymer 'Transcription antitermination protein RfaH'
2 polymer "DNA (5'-D(*GP*CP*GP*GP*TP*AP*GP*TP*C)-3')"
3 water water
#
loop_
_entity_poly.entity_id
_entity_poly.type
_entity_poly.pdbx_seq_one_letter_code
_entity_poly.pdbx_strand_id
1 'polypeptide(L)'
;MQSWYLLYCKRGQLQRAQEHLERQAVNCLAPMITLEKIVRGKRTAVSEPLFPNYLFVEFDPEVIHTTTINATRGVSHFVR
FGASPAIVPSAVIHQLSVYKPKDIVDPATPYPGDKVIITEGAFEGFQAIFTEPDGEARSMLLLNLINKEIKHSVKNTEFR
KA
;
A,B
2 'polydeoxyribonucleotide' (DG)(DC)(DG)(DG)(DT)(DA)(DG)(DT)(DC) C,D
#
loop_
_chem_comp.id
_chem_comp.type
_chem_comp.name
_chem_comp.formula
DA DNA linking 2'-DEOXYADENOSINE-5'-MONOPHOSPHATE 'C10 H14 N5 O6 P'
DC DNA linking 2'-DEOXYCYTIDINE-5'-MONOPHOSPHATE 'C9 H14 N3 O7 P'
DG DNA linking 2'-DEOXYGUANOSINE-5'-MONOPHOSPHATE 'C10 H14 N5 O7 P'
DT DNA linking THYMIDINE-5'-MONOPHOSPHATE 'C10 H15 N2 O8 P'
#
# COMPACT_ATOMS: atom_id res chain seq x y z
N MET A 1 -20.53 -18.69 -3.83
CA MET A 1 -20.10 -17.59 -4.76
C MET A 1 -18.77 -17.05 -4.19
N GLN A 2 -18.03 -16.29 -5.02
CA GLN A 2 -16.90 -15.51 -4.50
C GLN A 2 -17.33 -14.71 -3.32
N SER A 3 -16.63 -14.92 -2.18
CA SER A 3 -16.74 -14.08 -0.99
C SER A 3 -15.37 -13.69 -0.49
N TRP A 4 -15.35 -12.63 0.30
CA TRP A 4 -14.15 -12.13 0.94
C TRP A 4 -14.12 -12.61 2.38
N TYR A 5 -12.93 -13.04 2.82
CA TYR A 5 -12.63 -13.42 4.20
C TYR A 5 -11.43 -12.64 4.68
N LEU A 6 -11.11 -12.81 5.96
CA LEU A 6 -10.00 -12.13 6.59
C LEU A 6 -9.20 -13.18 7.34
N LEU A 7 -7.93 -13.33 7.00
CA LEU A 7 -7.05 -14.26 7.69
C LEU A 7 -6.00 -13.52 8.49
N TYR A 8 -5.55 -14.17 9.55
CA TYR A 8 -4.36 -13.80 10.27
C TYR A 8 -3.22 -14.69 9.81
N CYS A 9 -2.05 -14.11 9.59
CA CYS A 9 -0.92 -14.91 9.13
C CYS A 9 0.04 -15.17 10.27
N LYS A 10 0.78 -16.28 10.16
CA LYS A 10 1.80 -16.59 11.14
C LYS A 10 2.88 -15.51 11.12
N ARG A 11 3.51 -15.29 12.28
CA ARG A 11 4.47 -14.20 12.46
C ARG A 11 5.53 -14.22 11.36
N GLY A 12 5.58 -13.13 10.59
CA GLY A 12 6.50 -13.02 9.48
C GLY A 12 6.24 -13.91 8.28
N GLN A 13 5.08 -14.57 8.18
CA GLN A 13 4.85 -15.48 7.06
C GLN A 13 3.84 -14.93 6.08
N LEU A 14 3.52 -13.64 6.18
CA LEU A 14 2.46 -13.09 5.35
C LEU A 14 2.77 -13.23 3.88
N GLN A 15 3.94 -12.76 3.44
CA GLN A 15 4.28 -12.89 2.03
C GLN A 15 4.23 -14.34 1.62
N ARG A 16 4.62 -15.24 2.52
CA ARG A 16 4.51 -16.68 2.23
C ARG A 16 3.04 -17.09 2.04
N ALA A 17 2.15 -16.64 2.92
CA ALA A 17 0.76 -17.03 2.77
C ALA A 17 0.19 -16.46 1.48
N GLN A 18 0.54 -15.23 1.17
CA GLN A 18 0.09 -14.66 -0.10
C GLN A 18 0.55 -15.53 -1.23
N GLU A 19 1.76 -16.06 -1.16
CA GLU A 19 2.26 -16.89 -2.25
C GLU A 19 1.39 -18.11 -2.41
N HIS A 20 1.29 -18.89 -1.34
CA HIS A 20 0.62 -20.17 -1.45
C HIS A 20 -0.86 -20.01 -1.77
N LEU A 21 -1.48 -18.94 -1.28
CA LEU A 21 -2.90 -18.70 -1.58
C LEU A 21 -3.08 -18.32 -3.05
N GLU A 22 -2.28 -17.39 -3.54
CA GLU A 22 -2.39 -17.04 -4.95
C GLU A 22 -2.14 -18.25 -5.84
N ARG A 23 -1.24 -19.15 -5.43
CA ARG A 23 -1.00 -20.39 -6.18
C ARG A 23 -2.27 -21.20 -6.34
N GLN A 24 -3.16 -21.12 -5.36
CA GLN A 24 -4.42 -21.86 -5.32
C GLN A 24 -5.57 -21.08 -5.94
N ALA A 25 -5.27 -19.97 -6.62
CA ALA A 25 -6.25 -19.11 -7.29
C ALA A 25 -7.14 -18.39 -6.28
N VAL A 26 -6.61 -18.06 -5.11
CA VAL A 26 -7.31 -17.22 -4.13
C VAL A 26 -6.78 -15.80 -4.27
N ASN A 27 -7.68 -14.84 -4.48
CA ASN A 27 -7.27 -13.44 -4.53
C ASN A 27 -6.90 -12.96 -3.15
N CYS A 28 -5.74 -12.34 -3.04
CA CYS A 28 -5.19 -11.82 -1.79
C CYS A 28 -5.12 -10.29 -1.83
N LEU A 29 -5.25 -9.70 -0.63
CA LEU A 29 -5.26 -8.25 -0.47
C LEU A 29 -4.65 -7.88 0.88
N ALA A 30 -3.50 -7.19 0.83
CA ALA A 30 -2.82 -6.74 2.04
C ALA A 30 -2.57 -5.25 1.87
N PRO A 31 -3.56 -4.42 2.16
CA PRO A 31 -3.43 -3.01 1.83
C PRO A 31 -2.34 -2.34 2.65
N MET A 32 -1.68 -1.37 2.03
CA MET A 32 -0.71 -0.52 2.70
C MET A 32 -1.33 0.84 2.93
N ILE A 33 -0.71 1.60 3.81
CA ILE A 33 -1.14 2.96 4.02
C ILE A 33 0.12 3.82 4.13
N THR A 34 0.09 4.94 3.45
CA THR A 34 1.19 5.90 3.53
C THR A 34 0.82 6.94 4.56
N LEU A 35 1.68 7.11 5.57
CA LEU A 35 1.39 8.11 6.59
C LEU A 35 2.71 8.68 7.13
N GLU A 36 2.58 9.78 7.87
CA GLU A 36 3.73 10.42 8.50
C GLU A 36 4.02 9.80 9.86
N LYS A 37 5.20 9.22 10.00
CA LYS A 37 5.72 8.65 11.23
C LYS A 37 7.05 9.34 11.54
N ILE A 38 7.56 9.14 12.79
CA ILE A 38 8.88 9.60 13.21
C ILE A 38 9.90 8.51 12.94
N VAL A 39 10.96 8.87 12.25
CA VAL A 39 12.09 8.00 11.99
C VAL A 39 13.34 8.83 12.29
N ARG A 40 14.22 8.30 13.13
CA ARG A 40 15.39 9.04 13.62
C ARG A 40 15.02 10.46 14.05
N GLY A 41 14.00 10.53 14.89
CA GLY A 41 13.56 11.77 15.47
C GLY A 41 13.10 12.82 14.48
N LYS A 42 12.89 12.42 13.23
CA LYS A 42 12.40 13.32 12.18
C LYS A 42 11.08 12.81 11.64
N ARG A 43 10.13 13.70 11.46
CA ARG A 43 8.88 13.34 10.84
C ARG A 43 9.12 13.06 9.35
N THR A 44 8.69 11.89 8.87
CA THR A 44 8.85 11.50 7.48
C THR A 44 7.65 10.67 7.06
N ALA A 45 7.56 10.34 5.77
CA ALA A 45 6.49 9.50 5.27
C ALA A 45 7.00 8.08 5.09
N VAL A 46 6.16 7.14 5.50
CA VAL A 46 6.42 5.71 5.44
C VAL A 46 5.18 5.03 4.81
N SER A 47 5.41 3.90 4.17
CA SER A 47 4.33 2.99 3.80
C SER A 47 4.41 1.78 4.70
N GLU A 48 3.31 1.42 5.33
CA GLU A 48 3.31 0.26 6.21
C GLU A 48 1.99 -0.48 6.02
N PRO A 49 1.91 -1.73 6.48
CA PRO A 49 0.67 -2.51 6.31
C PRO A 49 -0.48 -1.85 7.04
N LEU A 50 -1.61 -1.69 6.38
CA LEU A 50 -2.74 -1.08 7.08
C LEU A 50 -3.12 -1.89 8.33
N PHE A 51 -3.09 -3.22 8.21
CA PHE A 51 -3.57 -4.14 9.25
C PHE A 51 -2.51 -5.22 9.40
N PRO A 52 -1.53 -5.03 10.28
CA PRO A 52 -0.35 -5.89 10.24
C PRO A 52 -0.71 -7.34 10.41
N ASN A 53 -0.16 -8.18 9.53
CA ASN A 53 -0.25 -9.63 9.56
C ASN A 53 -1.61 -10.14 9.12
N TYR A 54 -2.55 -9.27 8.79
CA TYR A 54 -3.83 -9.66 8.24
C TYR A 54 -3.80 -9.63 6.73
N LEU A 55 -4.66 -10.46 6.13
CA LEU A 55 -4.77 -10.64 4.70
C LEU A 55 -6.23 -10.89 4.33
N PHE A 56 -6.80 -10.01 3.53
CA PHE A 56 -8.11 -10.26 2.97
C PHE A 56 -7.91 -11.24 1.84
N VAL A 57 -8.79 -12.25 1.77
CA VAL A 57 -8.78 -13.22 0.70
C VAL A 57 -10.18 -13.44 0.15
N GLU A 58 -10.26 -13.73 -1.14
CA GLU A 58 -11.50 -13.86 -1.86
C GLU A 58 -11.43 -15.18 -2.58
N PHE A 59 -12.39 -16.03 -2.30
CA PHE A 59 -12.48 -17.32 -2.99
C PHE A 59 -13.92 -17.76 -2.84
N ASP A 60 -14.28 -18.82 -3.60
CA ASP A 60 -15.62 -19.40 -3.56
C ASP A 60 -15.58 -20.58 -2.62
N PRO A 61 -16.21 -20.52 -1.46
CA PRO A 61 -16.06 -21.62 -0.52
C PRO A 61 -16.67 -22.92 -1.02
N GLU A 62 -17.37 -22.90 -2.13
CA GLU A 62 -17.86 -24.14 -2.73
C GLU A 62 -16.86 -24.72 -3.71
N VAL A 63 -15.87 -23.93 -4.10
CA VAL A 63 -14.82 -24.41 -4.97
C VAL A 63 -13.61 -24.80 -4.17
N ILE A 64 -13.15 -23.89 -3.31
CA ILE A 64 -12.03 -24.11 -2.41
C ILE A 64 -12.63 -24.12 -1.03
N HIS A 65 -12.35 -25.17 -0.25
CA HIS A 65 -12.89 -25.26 1.10
C HIS A 65 -12.09 -24.44 2.09
N THR A 66 -12.81 -23.82 3.02
CA THR A 66 -12.14 -23.09 4.08
C THR A 66 -11.14 -23.98 4.81
N THR A 67 -11.41 -25.27 4.92
CA THR A 67 -10.44 -26.16 5.53
C THR A 67 -9.16 -26.18 4.72
N THR A 68 -9.27 -26.04 3.40
CA THR A 68 -8.07 -25.95 2.57
C THR A 68 -7.30 -24.64 2.82
N ILE A 69 -8.02 -23.51 2.92
CA ILE A 69 -7.38 -22.23 3.25
C ILE A 69 -6.77 -22.32 4.64
N ASN A 70 -7.48 -22.98 5.58
CA ASN A 70 -7.03 -23.09 6.97
C ASN A 70 -5.81 -23.99 7.09
N ALA A 71 -5.47 -24.72 6.03
CA ALA A 71 -4.27 -25.53 5.95
C ALA A 71 -3.29 -24.99 4.89
N THR A 72 -3.30 -23.70 4.62
CA THR A 72 -2.39 -23.14 3.64
C THR A 72 -1.15 -22.58 4.31
N ARG A 73 -0.01 -22.86 3.72
CA ARG A 73 1.25 -22.46 4.34
C ARG A 73 1.25 -20.97 4.57
N GLY A 74 1.64 -20.58 5.77
CA GLY A 74 1.61 -19.18 6.18
C GLY A 74 0.38 -18.77 6.97
N VAL A 75 -0.73 -19.49 6.82
CA VAL A 75 -1.97 -19.05 7.43
C VAL A 75 -2.03 -19.50 8.88
N SER A 76 -2.41 -18.59 9.76
CA SER A 76 -2.64 -18.90 11.15
C SER A 76 -4.10 -19.25 11.39
N HIS A 77 -5.01 -18.33 11.05
CA HIS A 77 -6.44 -18.61 11.21
C HIS A 77 -7.29 -17.57 10.49
N PHE A 78 -8.56 -17.93 10.30
CA PHE A 78 -9.64 -17.02 9.89
C PHE A 78 -10.06 -16.15 11.05
N VAL A 79 -10.36 -14.88 10.76
CA VAL A 79 -11.23 -14.12 11.64
C VAL A 79 -12.62 -14.73 11.52
N ARG A 80 -13.22 -15.01 12.67
CA ARG A 80 -14.50 -15.69 12.74
C ARG A 80 -15.60 -14.70 13.16
N PHE A 81 -16.82 -14.96 12.65
CA PHE A 81 -18.05 -14.40 13.20
C PHE A 81 -18.80 -15.59 13.79
N GLY A 82 -18.75 -15.72 15.11
CA GLY A 82 -19.25 -16.92 15.74
C GLY A 82 -18.23 -18.03 15.58
N ALA A 83 -18.68 -19.21 15.19
CA ALA A 83 -17.78 -20.35 15.08
C ALA A 83 -17.21 -20.52 13.69
N SER A 84 -17.59 -19.67 12.76
CA SER A 84 -17.29 -19.87 11.36
C SER A 84 -16.60 -18.63 10.82
N PRO A 85 -15.83 -18.79 9.75
CA PRO A 85 -15.16 -17.65 9.12
C PRO A 85 -16.09 -16.47 8.88
N ALA A 86 -15.66 -15.28 9.29
CA ALA A 86 -16.41 -14.08 8.95
C ALA A 86 -16.35 -13.87 7.44
N ILE A 87 -17.49 -13.66 6.82
CA ILE A 87 -17.57 -13.21 5.44
C ILE A 87 -17.56 -11.69 5.51
N VAL A 88 -16.52 -11.09 4.97
CA VAL A 88 -16.34 -9.66 5.06
C VAL A 88 -17.31 -9.09 4.04
N PRO A 89 -18.27 -8.28 4.44
CA PRO A 89 -19.15 -7.65 3.45
C PRO A 89 -18.38 -6.85 2.41
N SER A 90 -18.87 -6.90 1.18
CA SER A 90 -18.18 -6.20 0.10
C SER A 90 -18.13 -4.69 0.36
N ALA A 91 -19.09 -4.15 1.11
CA ALA A 91 -19.05 -2.72 1.41
C ALA A 91 -17.76 -2.35 2.15
N VAL A 92 -17.32 -3.24 3.04
CA VAL A 92 -16.06 -3.05 3.75
C VAL A 92 -14.90 -3.03 2.78
N ILE A 93 -14.86 -4.02 1.88
CA ILE A 93 -13.79 -4.12 0.90
C ILE A 93 -13.80 -2.88 0.02
N HIS A 94 -14.98 -2.44 -0.38
CA HIS A 94 -15.06 -1.30 -1.27
C HIS A 94 -14.38 -0.08 -0.64
N GLN A 95 -14.48 0.07 0.69
CA GLN A 95 -13.88 1.22 1.33
C GLN A 95 -12.38 1.19 1.27
N LEU A 96 -11.79 0.04 1.01
CA LEU A 96 -10.34 0.00 0.85
C LEU A 96 -9.91 0.63 -0.47
N SER A 97 -10.78 0.62 -1.49
CA SER A 97 -10.47 1.19 -2.82
C SER A 97 -11.37 2.36 -3.18
N ILE A 118 -20.83 0.45 0.04
CA ILE A 118 -20.55 1.40 1.12
C ILE A 118 -21.69 1.36 2.15
N THR A 119 -21.32 1.48 3.43
CA THR A 119 -22.22 1.58 4.57
C THR A 119 -21.80 2.80 5.38
N GLU A 120 -22.66 3.23 6.30
CA GLU A 120 -22.30 4.36 7.14
C GLU A 120 -21.32 3.93 8.24
N GLY A 121 -21.68 2.91 9.02
CA GLY A 121 -20.71 2.32 9.93
C GLY A 121 -19.41 2.02 9.20
N ALA A 122 -19.50 1.37 8.04
CA ALA A 122 -18.31 1.13 7.25
C ALA A 122 -17.58 2.44 6.96
N PHE A 123 -18.28 3.41 6.38
CA PHE A 123 -17.60 4.65 6.01
C PHE A 123 -16.89 5.27 7.20
N GLU A 124 -17.60 5.42 8.30
CA GLU A 124 -17.01 6.09 9.46
C GLU A 124 -16.00 5.19 10.14
N GLY A 125 -16.26 3.91 10.20
CA GLY A 125 -15.27 3.01 10.73
C GLY A 125 -13.93 3.16 10.02
N PHE A 126 -13.97 3.36 8.71
CA PHE A 126 -12.72 3.50 7.98
C PHE A 126 -12.15 4.88 8.11
N GLN A 127 -12.99 5.90 8.23
CA GLN A 127 -12.46 7.21 8.55
C GLN A 127 -11.61 7.12 9.81
N ALA A 128 -12.07 6.39 10.82
CA ALA A 128 -11.26 6.22 12.02
C ALA A 128 -10.00 5.43 11.72
N ILE A 129 -10.15 4.33 10.98
CA ILE A 129 -9.00 3.48 10.67
C ILE A 129 -7.92 4.29 9.96
N PHE A 130 -8.33 5.06 8.95
CA PHE A 130 -7.34 5.70 8.09
C PHE A 130 -6.61 6.81 8.81
N THR A 131 -7.15 7.30 9.91
CA THR A 131 -6.49 8.31 10.69
C THR A 131 -5.80 7.74 11.94
N GLU A 132 -5.84 6.43 12.14
CA GLU A 132 -5.19 5.82 13.31
C GLU A 132 -3.76 5.45 12.89
N PRO A 133 -2.72 6.09 13.46
CA PRO A 133 -1.34 5.79 12.99
C PRO A 133 -0.73 4.47 13.48
N ASP A 134 -1.28 3.79 14.49
CA ASP A 134 -0.74 2.51 14.94
C ASP A 134 -1.49 1.34 14.29
N GLY A 135 -0.73 0.39 13.73
CA GLY A 135 -1.35 -0.64 12.94
C GLY A 135 -2.20 -1.57 13.78
N GLU A 136 -1.72 -1.91 14.97
CA GLU A 136 -2.48 -2.83 15.82
C GLU A 136 -3.79 -2.22 16.23
N ALA A 137 -3.80 -0.92 16.51
CA ALA A 137 -5.09 -0.28 16.74
C ALA A 137 -5.94 -0.31 15.48
N ARG A 138 -5.32 -0.16 14.28
CA ARG A 138 -6.15 -0.15 13.08
C ARG A 138 -6.84 -1.51 12.91
N SER A 139 -6.12 -2.61 13.18
CA SER A 139 -6.70 -3.94 13.08
C SER A 139 -7.81 -4.15 14.09
N MET A 140 -7.55 -3.76 15.35
CA MET A 140 -8.65 -3.84 16.31
C MET A 140 -9.84 -3.07 15.77
N LEU A 141 -9.62 -1.87 15.25
CA LEU A 141 -10.77 -1.15 14.69
C LEU A 141 -11.41 -1.99 13.59
N LEU A 142 -10.60 -2.69 12.84
CA LEU A 142 -11.15 -3.39 11.69
C LEU A 142 -12.03 -4.51 12.16
N LEU A 143 -11.49 -5.31 13.07
CA LEU A 143 -12.29 -6.42 13.56
C LEU A 143 -13.63 -5.92 14.10
N ASN A 144 -13.61 -4.85 14.89
CA ASN A 144 -14.88 -4.37 15.45
C ASN A 144 -15.84 -3.97 14.34
N LEU A 145 -15.32 -3.34 13.31
CA LEU A 145 -16.16 -2.85 12.25
C LEU A 145 -16.77 -4.01 11.44
N ILE A 146 -16.00 -5.08 11.26
CA ILE A 146 -16.53 -6.22 10.53
C ILE A 146 -17.63 -6.89 11.33
N ASN A 147 -17.39 -7.08 12.63
CA ASN A 147 -18.41 -7.60 13.53
C ASN A 147 -19.69 -6.79 13.44
N LYS A 148 -19.60 -5.48 13.66
CA LYS A 148 -20.76 -4.61 13.60
C LYS A 148 -21.48 -4.71 12.26
N GLU A 149 -20.73 -4.67 11.14
CA GLU A 149 -21.37 -4.65 9.84
C GLU A 149 -22.06 -5.98 9.53
N ILE A 150 -21.51 -7.10 10.01
CA ILE A 150 -22.15 -8.39 9.81
C ILE A 150 -23.43 -8.47 10.64
N LYS A 151 -23.34 -8.16 11.93
CA LYS A 151 -24.55 -8.10 12.75
C LYS A 151 -25.62 -7.26 12.06
N HIS A 152 -25.24 -6.13 11.48
CA HIS A 152 -26.21 -5.26 10.83
C HIS A 152 -26.90 -5.92 9.64
N SER A 153 -26.30 -6.93 9.02
CA SER A 153 -26.93 -7.63 7.89
C SER A 153 -27.85 -8.75 8.33
N VAL A 154 -28.00 -8.98 9.64
CA VAL A 154 -28.83 -10.03 10.19
C VAL A 154 -30.26 -9.49 10.38
N LYS A 155 -31.22 -10.41 10.45
CA LYS A 155 -32.63 -10.04 10.63
C LYS A 155 -33.07 -10.26 12.09
N MET B 1 19.72 20.26 3.52
CA MET B 1 18.70 19.80 4.55
C MET B 1 18.07 18.52 4.00
N GLN B 2 17.23 17.86 4.80
CA GLN B 2 16.48 16.67 4.36
C GLN B 2 15.58 17.09 3.21
N SER B 3 15.72 16.42 2.08
CA SER B 3 14.80 16.60 0.96
C SER B 3 14.36 15.26 0.40
N TRP B 4 13.26 15.33 -0.35
CA TRP B 4 12.68 14.18 -1.02
C TRP B 4 13.12 14.21 -2.47
N TYR B 5 13.54 13.04 -2.96
CA TYR B 5 13.91 12.80 -4.35
C TYR B 5 13.11 11.60 -4.84
N LEU B 6 13.15 11.36 -6.15
CA LEU B 6 12.47 10.25 -6.78
C LEU B 6 13.50 9.48 -7.60
N LEU B 7 13.64 8.18 -7.28
CA LEU B 7 14.51 7.23 -7.96
C LEU B 7 13.71 6.25 -8.80
N TYR B 8 14.35 5.80 -9.86
CA TYR B 8 13.94 4.62 -10.61
C TYR B 8 14.87 3.47 -10.21
N CYS B 9 14.28 2.31 -9.94
CA CYS B 9 15.02 1.13 -9.53
C CYS B 9 15.22 0.20 -10.71
N LYS B 10 16.35 -0.49 -10.69
CA LYS B 10 16.55 -1.52 -11.69
C LYS B 10 15.40 -2.51 -11.66
N ARG B 11 15.04 -3.02 -12.84
CA ARG B 11 13.97 -4.00 -12.99
C ARG B 11 14.03 -5.06 -11.91
N GLY B 12 12.98 -5.16 -11.11
CA GLY B 12 12.93 -6.14 -10.04
C GLY B 12 13.97 -5.99 -8.97
N GLN B 13 14.55 -4.79 -8.80
CA GLN B 13 15.55 -4.56 -7.77
C GLN B 13 15.06 -3.56 -6.72
N LEU B 14 13.78 -3.22 -6.74
CA LEU B 14 13.27 -2.19 -5.85
C LEU B 14 13.50 -2.57 -4.40
N GLN B 15 13.03 -3.75 -3.99
CA GLN B 15 13.30 -4.25 -2.65
C GLN B 15 14.79 -4.19 -2.34
N ARG B 16 15.63 -4.57 -3.28
CA ARG B 16 17.08 -4.53 -3.05
C ARG B 16 17.53 -3.09 -2.77
N ALA B 17 17.07 -2.15 -3.58
CA ALA B 17 17.45 -0.76 -3.38
C ALA B 17 16.87 -0.23 -2.08
N GLN B 18 15.70 -0.70 -1.70
CA GLN B 18 15.17 -0.32 -0.41
C GLN B 18 16.10 -0.78 0.67
N GLU B 19 16.61 -2.00 0.56
CA GLU B 19 17.47 -2.51 1.61
C GLU B 19 18.73 -1.68 1.71
N HIS B 20 19.44 -1.49 0.60
CA HIS B 20 20.72 -0.79 0.63
C HIS B 20 20.58 0.70 0.93
N LEU B 21 19.47 1.33 0.53
CA LEU B 21 19.25 2.72 0.91
C LEU B 21 18.97 2.87 2.41
N GLU B 22 18.11 2.01 2.96
CA GLU B 22 17.79 2.07 4.38
C GLU B 22 19.04 1.83 5.23
N ARG B 23 19.92 0.91 4.79
CA ARG B 23 21.24 0.77 5.41
C ARG B 23 22.00 2.08 5.47
N GLN B 24 21.76 3.01 4.54
CA GLN B 24 22.45 4.29 4.54
C GLN B 24 21.66 5.42 5.19
N ALA B 25 20.62 5.09 5.97
CA ALA B 25 19.79 6.09 6.67
C ALA B 25 19.09 7.00 5.68
N VAL B 26 18.77 6.46 4.52
CA VAL B 26 17.88 7.11 3.58
C VAL B 26 16.46 6.60 3.85
N ASN B 27 15.53 7.52 4.01
CA ASN B 27 14.15 7.11 4.17
C ASN B 27 13.59 6.83 2.82
N CYS B 28 12.97 5.65 2.68
CA CYS B 28 12.38 5.18 1.44
C CYS B 28 10.87 5.10 1.54
N LEU B 29 10.21 5.30 0.41
CA LEU B 29 8.76 5.31 0.36
C LEU B 29 8.34 4.77 -1.01
N ALA B 30 7.72 3.57 -1.05
CA ALA B 30 7.19 2.99 -2.28
C ALA B 30 5.71 2.80 -2.09
N PRO B 31 4.91 3.82 -2.33
CA PRO B 31 3.53 3.74 -1.90
C PRO B 31 2.71 2.82 -2.79
N MET B 32 1.75 2.16 -2.17
CA MET B 32 0.84 1.24 -2.83
C MET B 32 -0.52 1.90 -2.95
N ILE B 33 -1.36 1.27 -3.76
CA ILE B 33 -2.72 1.72 -3.99
C ILE B 33 -3.56 0.48 -4.07
N THR B 34 -4.71 0.50 -3.43
CA THR B 34 -5.69 -0.57 -3.51
C THR B 34 -6.73 -0.17 -4.53
N LEU B 35 -6.91 -0.97 -5.57
CA LEU B 35 -7.91 -0.63 -6.56
C LEU B 35 -8.61 -1.89 -7.06
N GLU B 36 -9.71 -1.69 -7.75
CA GLU B 36 -10.45 -2.79 -8.36
C GLU B 36 -9.87 -3.06 -9.75
N LYS B 37 -9.45 -4.31 -9.97
CA LYS B 37 -8.93 -4.78 -11.24
C LYS B 37 -9.55 -6.14 -11.57
N ILE B 38 -9.40 -6.56 -12.83
CA ILE B 38 -9.90 -7.85 -13.30
C ILE B 38 -8.83 -8.89 -13.08
N VAL B 39 -9.18 -9.92 -12.35
CA VAL B 39 -8.29 -11.06 -12.09
C VAL B 39 -9.11 -12.32 -12.39
N ARG B 40 -8.53 -13.21 -13.22
CA ARG B 40 -9.21 -14.39 -13.79
C ARG B 40 -10.66 -14.11 -14.17
N GLY B 41 -10.82 -13.07 -14.98
CA GLY B 41 -12.11 -12.72 -15.55
C GLY B 41 -13.12 -12.13 -14.61
N LYS B 42 -12.74 -11.84 -13.36
CA LYS B 42 -13.65 -11.30 -12.35
C LYS B 42 -13.03 -10.06 -11.72
N ARG B 43 -13.88 -9.09 -11.40
CA ARG B 43 -13.50 -7.88 -10.73
C ARG B 43 -13.23 -8.17 -9.26
N THR B 44 -12.05 -7.81 -8.78
CA THR B 44 -11.67 -8.00 -7.39
C THR B 44 -10.87 -6.77 -6.96
N ALA B 45 -10.35 -6.80 -5.75
CA ALA B 45 -9.56 -5.72 -5.20
C ALA B 45 -8.13 -6.22 -5.09
N VAL B 46 -7.18 -5.42 -5.60
CA VAL B 46 -5.75 -5.74 -5.52
C VAL B 46 -5.02 -4.57 -4.87
N SER B 47 -3.88 -4.83 -4.26
CA SER B 47 -2.93 -3.77 -3.90
C SER B 47 -1.72 -3.87 -4.81
N GLU B 48 -1.38 -2.76 -5.47
CA GLU B 48 -0.24 -2.75 -6.39
C GLU B 48 0.51 -1.44 -6.22
N PRO B 49 1.75 -1.38 -6.72
CA PRO B 49 2.54 -0.14 -6.58
C PRO B 49 1.84 1.04 -7.24
N LEU B 50 1.82 2.17 -6.55
CA LEU B 50 1.29 3.38 -7.16
C LEU B 50 2.06 3.73 -8.43
N PHE B 51 3.39 3.68 -8.34
CA PHE B 51 4.33 4.11 -9.36
C PHE B 51 5.35 2.97 -9.52
N PRO B 52 5.05 1.97 -10.36
CA PRO B 52 5.96 0.83 -10.51
C PRO B 52 7.44 1.18 -10.66
N ASN B 53 8.26 0.54 -9.83
CA ASN B 53 9.71 0.62 -9.84
C ASN B 53 10.25 1.97 -9.41
N TYR B 54 9.39 2.92 -9.04
CA TYR B 54 9.85 4.19 -8.49
C TYR B 54 9.90 4.09 -6.98
N LEU B 55 10.79 4.88 -6.39
CA LEU B 55 11.03 4.92 -4.96
C LEU B 55 11.28 6.36 -4.59
N PHE B 56 10.41 6.92 -3.77
CA PHE B 56 10.75 8.20 -3.16
C PHE B 56 11.80 7.93 -2.12
N VAL B 57 12.76 8.87 -1.99
CA VAL B 57 13.80 8.76 -0.97
C VAL B 57 14.04 10.13 -0.37
N GLU B 58 14.41 10.14 0.91
CA GLU B 58 14.61 11.36 1.68
C GLU B 58 15.99 11.26 2.30
N PHE B 59 16.84 12.22 1.98
CA PHE B 59 18.16 12.29 2.59
C PHE B 59 18.58 13.74 2.49
N ASP B 60 19.62 14.08 3.25
CA ASP B 60 20.16 15.43 3.24
C ASP B 60 21.32 15.42 2.27
N PRO B 61 21.20 16.04 1.11
CA PRO B 61 22.29 15.94 0.14
C PRO B 61 23.60 16.51 0.65
N GLU B 62 23.59 17.26 1.74
CA GLU B 62 24.83 17.74 2.35
C GLU B 62 25.43 16.74 3.31
N VAL B 63 24.73 15.63 3.57
CA VAL B 63 25.22 14.56 4.40
C VAL B 63 25.57 13.34 3.56
N ILE B 64 24.67 12.95 2.66
CA ILE B 64 24.85 11.81 1.77
C ILE B 64 24.94 12.41 0.39
N HIS B 65 26.06 12.19 -0.30
CA HIS B 65 26.19 12.67 -1.67
C HIS B 65 25.18 12.01 -2.58
N THR B 66 24.57 12.80 -3.45
CA THR B 66 23.70 12.24 -4.48
C THR B 66 24.44 11.26 -5.39
N THR B 67 25.76 11.37 -5.45
CA THR B 67 26.53 10.37 -6.18
C THR B 67 26.51 9.04 -5.46
N THR B 68 26.51 9.06 -4.11
CA THR B 68 26.36 7.81 -3.35
C THR B 68 25.01 7.14 -3.63
N ILE B 69 23.92 7.89 -3.57
CA ILE B 69 22.62 7.35 -3.91
C ILE B 69 22.65 6.82 -5.32
N ASN B 70 23.24 7.59 -6.24
CA ASN B 70 23.31 7.20 -7.65
C ASN B 70 24.14 5.93 -7.86
N ALA B 71 25.00 5.58 -6.90
CA ALA B 71 25.76 4.33 -6.93
C ALA B 71 25.26 3.30 -5.90
N THR B 72 23.97 3.29 -5.55
CA THR B 72 23.49 2.35 -4.55
C THR B 72 22.90 1.11 -5.21
N ARG B 73 23.15 -0.02 -4.59
CA ARG B 73 22.73 -1.29 -5.17
C ARG B 73 21.22 -1.30 -5.39
N GLY B 74 20.82 -1.63 -6.60
CA GLY B 74 19.44 -1.64 -7.00
C GLY B 74 18.96 -0.37 -7.66
N VAL B 75 19.73 0.71 -7.59
CA VAL B 75 19.28 2.00 -8.07
C VAL B 75 19.62 2.17 -9.54
N SER B 76 18.64 2.60 -10.32
CA SER B 76 18.87 2.95 -11.73
C SER B 76 19.36 4.38 -11.88
N HIS B 77 18.49 5.37 -11.59
CA HIS B 77 18.78 6.78 -11.85
C HIS B 77 17.80 7.63 -11.04
N PHE B 78 18.17 8.91 -10.86
CA PHE B 78 17.27 9.92 -10.30
C PHE B 78 16.31 10.39 -11.36
N VAL B 79 15.07 10.70 -10.97
CA VAL B 79 14.28 11.61 -11.79
C VAL B 79 14.90 12.99 -11.66
N ARG B 80 15.19 13.62 -12.80
CA ARG B 80 15.91 14.89 -12.84
C ARG B 80 14.97 16.03 -13.21
N PHE B 81 15.25 17.22 -12.63
CA PHE B 81 14.68 18.47 -13.11
C PHE B 81 15.83 19.12 -13.85
N GLY B 82 15.81 18.98 -15.17
CA GLY B 82 16.92 19.45 -15.98
C GLY B 82 18.15 18.64 -15.67
N ALA B 83 19.17 19.31 -15.18
CA ALA B 83 20.47 18.67 -15.01
C ALA B 83 20.51 17.81 -13.76
N SER B 84 19.84 18.22 -12.72
CA SER B 84 20.15 17.64 -11.44
C SER B 84 18.93 16.91 -10.87
N PRO B 85 19.15 16.09 -9.86
CA PRO B 85 18.04 15.34 -9.29
C PRO B 85 16.90 16.28 -8.93
N ALA B 86 15.70 15.92 -9.37
CA ALA B 86 14.53 16.72 -8.99
C ALA B 86 14.30 16.56 -7.48
N ILE B 87 14.09 17.69 -6.80
CA ILE B 87 13.69 17.70 -5.40
C ILE B 87 12.18 17.68 -5.41
N VAL B 88 11.60 16.62 -4.89
CA VAL B 88 10.15 16.57 -4.91
C VAL B 88 9.61 17.52 -3.86
N PRO B 89 8.71 18.43 -4.20
CA PRO B 89 8.19 19.35 -3.17
C PRO B 89 7.48 18.59 -2.08
N SER B 90 7.68 19.04 -0.84
CA SER B 90 7.01 18.35 0.27
C SER B 90 5.50 18.25 0.06
N ALA B 91 4.88 19.24 -0.57
CA ALA B 91 3.43 19.15 -0.77
C ALA B 91 3.07 17.88 -1.55
N VAL B 92 3.83 17.58 -2.62
CA VAL B 92 3.62 16.34 -3.36
C VAL B 92 3.69 15.15 -2.41
N ILE B 93 4.75 15.05 -1.62
CA ILE B 93 4.82 13.95 -0.68
C ILE B 93 3.58 13.96 0.21
N HIS B 94 3.23 15.11 0.74
CA HIS B 94 2.12 15.19 1.68
C HIS B 94 0.84 14.67 1.05
N GLN B 95 0.65 14.90 -0.25
CA GLN B 95 -0.58 14.44 -0.89
C GLN B 95 -0.69 12.92 -0.91
N LEU B 96 0.42 12.20 -0.81
CA LEU B 96 0.35 10.75 -0.73
C LEU B 96 -0.27 10.28 0.57
N SER B 97 -0.03 10.97 1.67
CA SER B 97 -0.35 10.43 3.01
C SER B 97 -1.72 10.83 3.54
N VAL B 98 -2.40 11.77 2.87
CA VAL B 98 -3.76 12.20 3.27
C VAL B 98 -4.80 11.10 3.05
N THR B 119 -2.19 22.51 -4.04
CA THR B 119 -1.87 23.29 -5.23
C THR B 119 -2.77 22.93 -6.43
N GLU B 120 -2.98 23.89 -7.34
CA GLU B 120 -3.85 23.66 -8.50
C GLU B 120 -3.35 22.50 -9.34
N GLY B 121 -2.06 22.47 -9.61
CA GLY B 121 -1.47 21.31 -10.25
C GLY B 121 -1.59 20.14 -9.31
N ALA B 122 -0.94 20.24 -8.14
CA ALA B 122 -0.84 19.13 -7.22
C ALA B 122 -2.18 18.41 -7.03
N PHE B 123 -3.21 19.13 -6.58
CA PHE B 123 -4.43 18.43 -6.18
C PHE B 123 -5.17 17.88 -7.39
N GLU B 124 -5.18 18.61 -8.50
CA GLU B 124 -5.74 18.05 -9.74
C GLU B 124 -4.97 16.81 -10.17
N GLY B 125 -3.69 16.98 -10.49
CA GLY B 125 -2.91 15.85 -10.97
C GLY B 125 -3.01 14.65 -10.05
N PHE B 126 -3.16 14.87 -8.75
CA PHE B 126 -3.26 13.71 -7.87
C PHE B 126 -4.63 13.08 -7.93
N GLN B 127 -5.69 13.88 -8.02
CA GLN B 127 -7.00 13.30 -8.25
C GLN B 127 -6.97 12.41 -9.48
N ALA B 128 -6.17 12.80 -10.46
CA ALA B 128 -6.09 12.03 -11.71
C ALA B 128 -5.22 10.80 -11.53
N ILE B 129 -4.10 10.95 -10.81
CA ILE B 129 -3.27 9.81 -10.52
C ILE B 129 -4.07 8.74 -9.79
N PHE B 130 -4.80 9.14 -8.76
CA PHE B 130 -5.46 8.15 -7.90
C PHE B 130 -6.64 7.50 -8.58
N THR B 131 -7.10 8.00 -9.72
CA THR B 131 -8.18 7.34 -10.45
C THR B 131 -7.69 6.70 -11.75
N GLU B 132 -6.39 6.69 -12.02
CA GLU B 132 -5.83 6.06 -13.20
C GLU B 132 -5.46 4.61 -12.89
N PRO B 133 -6.08 3.61 -13.54
CA PRO B 133 -5.83 2.22 -13.10
C PRO B 133 -4.49 1.64 -13.52
N ASP B 134 -3.86 2.12 -14.57
CA ASP B 134 -2.60 1.55 -15.05
C ASP B 134 -1.41 2.21 -14.34
N GLY B 135 -0.52 1.39 -13.78
CA GLY B 135 0.60 1.93 -13.02
C GLY B 135 1.46 2.86 -13.87
N GLU B 136 1.75 2.45 -15.09
CA GLU B 136 2.68 3.25 -15.88
C GLU B 136 2.07 4.59 -16.27
N ALA B 137 0.75 4.65 -16.43
CA ALA B 137 0.19 5.97 -16.67
C ALA B 137 0.36 6.83 -15.43
N ARG B 138 0.17 6.21 -14.26
CA ARG B 138 0.27 6.96 -13.02
C ARG B 138 1.65 7.55 -12.83
N SER B 139 2.72 6.78 -13.12
CA SER B 139 4.07 7.33 -13.03
C SER B 139 4.27 8.46 -14.04
N MET B 140 3.73 8.30 -15.25
CA MET B 140 3.86 9.38 -16.20
C MET B 140 3.13 10.61 -15.68
N LEU B 141 1.92 10.42 -15.12
CA LEU B 141 1.25 11.58 -14.55
C LEU B 141 2.06 12.16 -13.40
N LEU B 142 2.78 11.30 -12.67
CA LEU B 142 3.54 11.77 -11.52
C LEU B 142 4.69 12.65 -11.97
N LEU B 143 5.44 12.20 -12.98
CA LEU B 143 6.61 12.95 -13.42
C LEU B 143 6.19 14.30 -14.02
N ASN B 144 5.11 14.32 -14.78
CA ASN B 144 4.58 15.59 -15.28
C ASN B 144 4.16 16.53 -14.15
N LEU B 145 3.51 15.98 -13.14
CA LEU B 145 3.09 16.78 -11.99
C LEU B 145 4.27 17.35 -11.26
N ILE B 146 5.34 16.56 -11.14
CA ILE B 146 6.50 17.00 -10.39
C ILE B 146 7.22 18.10 -11.15
N ASN B 147 7.49 17.86 -12.44
CA ASN B 147 8.06 18.88 -13.30
C ASN B 147 7.31 20.20 -13.18
N LYS B 148 6.02 20.17 -13.48
CA LYS B 148 5.19 21.37 -13.40
C LYS B 148 5.32 22.08 -12.06
N GLU B 149 5.22 21.34 -10.93
CA GLU B 149 5.22 21.97 -9.62
C GLU B 149 6.57 22.58 -9.25
N ILE B 150 7.65 22.02 -9.76
CA ILE B 150 8.96 22.59 -9.55
C ILE B 150 9.11 23.87 -10.36
N LYS B 151 8.94 23.76 -11.68
CA LYS B 151 8.97 24.92 -12.56
C LYS B 151 8.29 26.11 -11.92
N HIS B 152 7.19 25.86 -11.23
CA HIS B 152 6.40 26.91 -10.59
C HIS B 152 6.85 27.17 -9.15
N SER B 153 8.14 27.36 -8.97
CA SER B 153 8.72 27.59 -7.64
C SER B 153 10.12 28.17 -7.74
#